data_5NQ0
#
_entry.id   5NQ0
#
_cell.length_a   41.616
_cell.length_b   46.340
_cell.length_c   66.735
_cell.angle_alpha   104.36
_cell.angle_beta   101.21
_cell.angle_gamma   102.20
#
_symmetry.space_group_name_H-M   'P 1'
#
loop_
_entity.id
_entity.type
_entity.pdbx_description
1 polymer 'MHC class I antigen'
2 polymer Beta-2-microglobulin
3 polymer ASP-PHE-GLU-ARG-GLU-GLY-TYR-SER-LEU
4 non-polymer GLYCEROL
5 non-polymer 1,2-ETHANEDIOL
6 non-polymer 'SULFATE ION'
7 water water
#
loop_
_entity_poly.entity_id
_entity_poly.type
_entity_poly.pdbx_seq_one_letter_code
_entity_poly.pdbx_strand_id
1 'polypeptide(L)'
;GPHSLSYFSTAVSRPDRGDSRFIAVGYVDDTQFVRFDSDAPNPRMEPRAPWIQQEGQEYWDRNTRNVMGSAQINRVNLKT
LRGYYNQSEAGSHTLQWMYGCYLGPDGLLLRGYDQFAYDGADYLALNEDLRSWTAADMAAQISKRKWEAADAAEHWRSYL
QGTCVESLRRYLQMGKDTLQRAEPPKTHVTRHPSSDLGVTLRCWALGFHPKEISLTWQREGQDQSQDMELVETRPSGDGT
FQKWAALVVPPGEEQSYTCHVQHEGLQEPLTLRWD
;
A
2 'polypeptide(L)'
;MVARPPKVQVYSRHPAENGKPNYLNCYVSGFHPPQIEIDLLKNGEKMNAEQSDLSFSKDWSFYLLVHTEFTPNAVDQYSC
RVKHVTLDKPKIVKWDRDH
;
B
3 'polypeptide(L)' DFEREGYSL C
#
# COMPACT_ATOMS: atom_id res chain seq x y z
N GLY A 1 -14.41 -11.84 -2.93
CA GLY A 1 -13.17 -11.07 -3.21
C GLY A 1 -12.24 -11.70 -4.22
N PRO A 2 -12.01 -11.03 -5.39
CA PRO A 2 -11.01 -11.56 -6.33
C PRO A 2 -9.56 -11.40 -5.81
N HIS A 3 -8.79 -12.45 -5.94
CA HIS A 3 -7.36 -12.35 -5.67
C HIS A 3 -6.69 -11.53 -6.71
N SER A 4 -5.50 -11.02 -6.40
CA SER A 4 -4.76 -10.19 -7.31
C SER A 4 -3.26 -10.28 -7.14
N LEU A 5 -2.54 -10.07 -8.22
CA LEU A 5 -1.09 -9.93 -8.26
C LEU A 5 -0.83 -8.52 -8.79
N SER A 6 -0.02 -7.77 -8.05
N SER A 6 -0.05 -7.74 -8.05
CA SER A 6 0.16 -6.36 -8.32
CA SER A 6 0.29 -6.41 -8.52
C SER A 6 1.61 -5.94 -8.10
C SER A 6 1.69 -6.04 -8.19
N TYR A 7 2.21 -5.16 -8.98
CA TYR A 7 3.57 -4.60 -8.79
C TYR A 7 3.44 -3.10 -8.77
N PHE A 8 4.09 -2.47 -7.79
CA PHE A 8 4.02 -1.03 -7.53
C PHE A 8 5.43 -0.52 -7.59
N SER A 9 5.75 0.34 -8.55
CA SER A 9 7.09 0.85 -8.72
C SER A 9 7.13 2.36 -8.64
N THR A 10 8.21 2.86 -7.98
CA THR A 10 8.42 4.28 -7.75
C THR A 10 9.78 4.63 -8.31
N ALA A 11 9.81 5.64 -9.24
CA ALA A 11 11.02 6.15 -9.77
C ALA A 11 11.13 7.64 -9.32
N VAL A 12 12.29 8.04 -8.81
N VAL A 12 12.27 8.02 -8.75
CA VAL A 12 12.50 9.38 -8.30
CA VAL A 12 12.47 9.42 -8.37
C VAL A 12 13.79 9.91 -8.90
C VAL A 12 13.78 9.90 -8.94
N SER A 13 13.74 11.11 -9.49
CA SER A 13 14.98 11.71 -10.00
C SER A 13 15.72 12.36 -8.87
N ARG A 14 17.04 12.38 -8.98
CA ARG A 14 17.92 12.97 -7.97
C ARG A 14 18.99 13.84 -8.63
N PRO A 15 18.59 15.03 -9.09
CA PRO A 15 19.55 15.84 -9.87
C PRO A 15 20.82 16.21 -9.17
N ASP A 16 20.77 16.36 -7.86
CA ASP A 16 21.97 16.66 -7.08
C ASP A 16 23.00 15.55 -7.04
N ARG A 17 22.57 14.32 -7.32
CA ARG A 17 23.44 13.18 -7.45
C ARG A 17 23.65 12.79 -8.91
N GLY A 18 22.95 13.40 -9.86
CA GLY A 18 22.99 12.97 -11.27
C GLY A 18 22.39 11.63 -11.64
N ASP A 19 21.47 11.12 -10.83
CA ASP A 19 20.94 9.80 -11.09
C ASP A 19 19.46 9.74 -10.71
N SER A 20 18.95 8.56 -10.49
CA SER A 20 17.57 8.30 -10.10
C SER A 20 17.57 7.09 -9.18
N ARG A 21 16.46 6.84 -8.53
CA ARG A 21 16.29 5.61 -7.73
C ARG A 21 15.00 4.98 -8.21
N PHE A 22 14.98 3.65 -8.31
CA PHE A 22 13.78 2.88 -8.67
C PHE A 22 13.56 1.82 -7.64
N ILE A 23 12.36 1.80 -7.07
CA ILE A 23 11.96 0.80 -6.09
C ILE A 23 10.75 0.11 -6.60
N ALA A 24 10.75 -1.21 -6.59
CA ALA A 24 9.56 -2.00 -6.99
C ALA A 24 9.21 -2.95 -5.88
N VAL A 25 7.92 -3.16 -5.63
CA VAL A 25 7.41 -4.18 -4.74
C VAL A 25 6.28 -4.93 -5.40
N GLY A 26 6.20 -6.22 -5.09
CA GLY A 26 5.14 -7.09 -5.59
C GLY A 26 4.32 -7.58 -4.45
N TYR A 27 3.00 -7.66 -4.68
CA TYR A 27 2.06 -8.12 -3.72
C TYR A 27 1.13 -9.19 -4.35
N VAL A 28 0.81 -10.20 -3.57
CA VAL A 28 -0.38 -11.04 -3.83
C VAL A 28 -1.41 -10.60 -2.82
N ASP A 29 -2.54 -10.06 -3.25
CA ASP A 29 -3.53 -9.59 -2.31
C ASP A 29 -2.86 -8.51 -1.41
N ASP A 30 -2.95 -8.73 -0.09
CA ASP A 30 -2.41 -7.77 0.88
C ASP A 30 -0.99 -8.12 1.29
N THR A 31 -0.40 -9.16 0.73
CA THR A 31 0.89 -9.72 1.17
C THR A 31 2.00 -9.36 0.24
N GLN A 32 3.02 -8.59 0.69
CA GLN A 32 4.18 -8.34 -0.12
C GLN A 32 4.99 -9.59 -0.25
N PHE A 33 5.56 -9.83 -1.42
CA PHE A 33 6.39 -11.04 -1.59
C PHE A 33 7.72 -10.84 -2.26
N VAL A 34 7.92 -9.70 -2.97
CA VAL A 34 9.23 -9.42 -3.55
C VAL A 34 9.49 -7.91 -3.47
N ARG A 35 10.77 -7.56 -3.59
CA ARG A 35 11.20 -6.17 -3.71
C ARG A 35 12.41 -6.07 -4.63
N PHE A 36 12.62 -4.82 -5.11
CA PHE A 36 13.83 -4.48 -5.81
C PHE A 36 14.13 -3.02 -5.49
N ASP A 37 15.40 -2.70 -5.31
CA ASP A 37 15.84 -1.28 -5.03
C ASP A 37 17.10 -1.04 -5.81
N SER A 38 17.05 -0.10 -6.78
CA SER A 38 18.22 0.14 -7.59
C SER A 38 19.40 0.75 -6.84
N ASP A 39 19.21 1.25 -5.62
CA ASP A 39 20.32 1.73 -4.79
C ASP A 39 21.02 0.60 -4.11
N ALA A 40 20.49 -0.61 -4.07
CA ALA A 40 21.14 -1.70 -3.37
C ALA A 40 22.39 -2.07 -4.13
N PRO A 41 23.49 -2.43 -3.45
CA PRO A 41 24.68 -2.86 -4.18
C PRO A 41 24.43 -4.19 -4.88
N ASN A 42 24.83 -4.35 -6.15
CA ASN A 42 24.54 -5.64 -6.79
C ASN A 42 22.99 -5.91 -6.85
N PRO A 43 22.16 -4.96 -7.31
CA PRO A 43 20.74 -5.08 -6.93
C PRO A 43 20.01 -6.27 -7.61
N ARG A 44 19.21 -6.96 -6.83
CA ARG A 44 18.49 -8.14 -7.31
C ARG A 44 17.06 -8.05 -6.90
N MET A 45 16.15 -8.73 -7.61
CA MET A 45 14.85 -8.99 -7.05
C MET A 45 15.03 -9.87 -5.86
N GLU A 46 14.40 -9.57 -4.72
CA GLU A 46 14.59 -10.29 -3.44
C GLU A 46 13.29 -10.76 -2.90
N PRO A 47 13.32 -11.95 -2.24
CA PRO A 47 12.13 -12.42 -1.61
C PRO A 47 11.74 -11.61 -0.36
N ARG A 48 10.44 -11.50 -0.12
CA ARG A 48 9.84 -10.81 1.03
C ARG A 48 8.73 -11.56 1.70
N ALA A 49 8.40 -12.77 1.21
CA ALA A 49 7.51 -13.67 1.89
C ALA A 49 8.19 -15.03 1.85
N PRO A 50 7.99 -15.87 2.83
CA PRO A 50 8.76 -17.17 2.81
C PRO A 50 8.39 -18.09 1.67
N TRP A 51 7.13 -18.09 1.25
CA TRP A 51 6.63 -19.03 0.25
C TRP A 51 7.21 -18.81 -1.14
N ILE A 52 7.74 -17.65 -1.45
CA ILE A 52 8.36 -17.43 -2.76
C ILE A 52 9.80 -17.99 -2.85
N GLN A 53 10.37 -18.25 -1.70
CA GLN A 53 11.76 -18.70 -1.69
C GLN A 53 11.95 -20.04 -2.34
N GLN A 54 10.88 -20.82 -2.52
CA GLN A 54 10.99 -22.07 -3.29
C GLN A 54 11.22 -21.90 -4.78
N GLU A 55 11.07 -20.69 -5.31
CA GLU A 55 11.38 -20.45 -6.72
C GLU A 55 12.89 -20.60 -6.91
N GLY A 56 13.24 -21.22 -8.04
CA GLY A 56 14.65 -21.47 -8.37
C GLY A 56 15.36 -20.30 -9.01
N GLN A 57 16.64 -20.51 -9.33
CA GLN A 57 17.49 -19.45 -9.78
C GLN A 57 17.06 -18.82 -11.05
N GLU A 58 16.46 -19.55 -11.96
N GLU A 58 16.47 -19.49 -12.04
CA GLU A 58 15.97 -19.02 -13.21
CA GLU A 58 16.01 -18.81 -13.31
C GLU A 58 14.94 -17.94 -12.93
C GLU A 58 14.89 -17.86 -12.97
N TYR A 59 14.02 -18.20 -12.01
CA TYR A 59 12.97 -17.24 -11.64
C TYR A 59 13.62 -15.95 -11.13
N TRP A 60 14.57 -16.06 -10.21
CA TRP A 60 15.19 -14.86 -9.66
C TRP A 60 16.00 -14.13 -10.68
N ASP A 61 16.70 -14.82 -11.56
CA ASP A 61 17.45 -14.18 -12.60
C ASP A 61 16.58 -13.44 -13.58
N ARG A 62 15.44 -14.03 -14.01
CA ARG A 62 14.54 -13.46 -14.96
C ARG A 62 13.86 -12.23 -14.32
N ASN A 63 13.41 -12.38 -13.05
CA ASN A 63 12.79 -11.24 -12.39
C ASN A 63 13.73 -10.07 -12.25
N THR A 64 15.00 -10.36 -11.93
CA THR A 64 16.01 -9.33 -11.76
C THR A 64 16.24 -8.64 -13.10
N ARG A 65 16.44 -9.41 -14.16
CA ARG A 65 16.70 -8.78 -15.45
C ARG A 65 15.51 -7.92 -15.86
N ASN A 66 14.29 -8.37 -15.63
CA ASN A 66 13.15 -7.63 -16.07
C ASN A 66 12.96 -6.36 -15.29
N VAL A 67 13.16 -6.36 -13.98
CA VAL A 67 12.98 -5.17 -13.20
C VAL A 67 14.14 -4.22 -13.41
N MET A 68 15.33 -4.74 -13.66
N MET A 68 15.34 -4.71 -13.67
CA MET A 68 16.47 -3.87 -13.91
CA MET A 68 16.48 -3.82 -13.94
C MET A 68 16.27 -3.12 -15.20
C MET A 68 16.37 -3.10 -15.27
N GLY A 69 15.84 -3.80 -16.27
CA GLY A 69 15.57 -3.13 -17.55
C GLY A 69 14.50 -2.07 -17.39
N SER A 70 13.51 -2.39 -16.59
CA SER A 70 12.43 -1.45 -16.36
C SER A 70 12.91 -0.23 -15.62
N ALA A 71 13.86 -0.40 -14.68
CA ALA A 71 14.46 0.73 -13.94
C ALA A 71 15.19 1.61 -14.91
N GLN A 72 15.92 1.04 -15.86
CA GLN A 72 16.62 1.83 -16.85
C GLN A 72 15.69 2.64 -17.75
N ILE A 73 14.59 2.03 -18.17
CA ILE A 73 13.61 2.77 -19.01
C ILE A 73 13.00 3.91 -18.17
N ASN A 74 12.73 3.67 -16.89
CA ASN A 74 12.09 4.71 -16.08
C ASN A 74 13.05 5.81 -15.67
N ARG A 75 14.31 5.53 -15.60
N ARG A 75 14.37 5.57 -15.62
CA ARG A 75 15.22 6.58 -15.43
CA ARG A 75 15.39 6.65 -15.47
C ARG A 75 15.12 7.56 -16.61
C ARG A 75 15.33 7.60 -16.66
N VAL A 76 15.12 7.01 -17.85
CA VAL A 76 14.95 7.85 -19.05
C VAL A 76 13.56 8.52 -19.03
N ASN A 77 12.52 7.82 -18.63
CA ASN A 77 11.16 8.42 -18.57
C ASN A 77 11.15 9.67 -17.73
N LEU A 78 11.91 9.69 -16.60
CA LEU A 78 11.97 10.92 -15.80
C LEU A 78 12.52 12.06 -16.58
N LYS A 79 13.57 11.83 -17.37
N LYS A 79 13.56 11.82 -17.36
CA LYS A 79 14.12 12.93 -18.17
CA LYS A 79 14.13 12.88 -18.18
C LYS A 79 13.15 13.34 -19.25
C LYS A 79 13.22 13.33 -19.29
N THR A 80 12.54 12.36 -19.91
CA THR A 80 11.60 12.66 -21.01
C THR A 80 10.44 13.55 -20.52
N LEU A 81 9.86 13.20 -19.37
CA LEU A 81 8.71 13.91 -18.85
C LEU A 81 9.13 15.30 -18.38
N ARG A 82 10.32 15.45 -17.79
CA ARG A 82 10.80 16.76 -17.46
C ARG A 82 10.80 17.62 -18.70
N GLY A 83 11.25 17.11 -19.84
CA GLY A 83 11.26 17.88 -21.09
C GLY A 83 9.85 18.16 -21.57
N TYR A 84 8.95 17.20 -21.49
CA TYR A 84 7.57 17.45 -21.98
C TYR A 84 6.95 18.61 -21.22
N TYR A 85 7.21 18.71 -19.92
CA TYR A 85 6.58 19.72 -19.06
C TYR A 85 7.50 20.97 -18.95
N ASN A 86 8.64 21.01 -19.64
CA ASN A 86 9.58 22.11 -19.55
C ASN A 86 9.93 22.48 -18.09
N GLN A 87 10.16 21.46 -17.28
CA GLN A 87 10.59 21.68 -15.90
C GLN A 87 12.09 21.89 -15.71
N SER A 88 12.47 22.58 -14.64
CA SER A 88 13.87 22.75 -14.33
C SER A 88 14.58 21.41 -14.13
N GLU A 89 15.85 21.41 -14.49
CA GLU A 89 16.68 20.26 -14.26
C GLU A 89 17.05 20.07 -12.82
N ALA A 90 16.85 21.07 -11.97
CA ALA A 90 17.26 20.95 -10.58
C ALA A 90 16.28 20.25 -9.67
N GLY A 91 15.00 20.15 -10.05
CA GLY A 91 13.99 19.61 -9.15
C GLY A 91 13.88 18.08 -9.20
N SER A 92 13.55 17.47 -8.08
CA SER A 92 13.21 16.03 -8.07
C SER A 92 11.75 15.86 -8.45
N HIS A 93 11.48 14.83 -9.22
CA HIS A 93 10.16 14.42 -9.62
C HIS A 93 9.98 12.96 -9.35
N THR A 94 8.71 12.55 -9.37
CA THR A 94 8.32 11.16 -9.05
C THR A 94 7.51 10.58 -10.20
N LEU A 95 7.84 9.39 -10.61
CA LEU A 95 7.02 8.69 -11.65
C LEU A 95 6.69 7.36 -11.04
N GLN A 96 5.39 7.07 -10.85
CA GLN A 96 4.93 5.81 -10.28
C GLN A 96 4.24 5.02 -11.37
N TRP A 97 4.42 3.70 -11.26
CA TRP A 97 3.93 2.75 -12.29
C TRP A 97 3.34 1.59 -11.54
N MET A 98 2.13 1.21 -11.90
N MET A 98 2.06 1.25 -11.78
CA MET A 98 1.51 0.05 -11.28
CA MET A 98 1.37 0.06 -11.19
C MET A 98 0.76 -0.77 -12.26
C MET A 98 0.88 -0.78 -12.36
N TYR A 99 0.99 -2.09 -12.22
CA TYR A 99 0.26 -3.01 -13.11
C TYR A 99 -0.10 -4.26 -12.33
N GLY A 100 -1.10 -4.97 -12.83
CA GLY A 100 -1.47 -6.24 -12.17
C GLY A 100 -2.73 -6.76 -12.68
N CYS A 101 -3.09 -7.89 -12.12
CA CYS A 101 -4.24 -8.66 -12.59
C CYS A 101 -5.06 -9.09 -11.44
N TYR A 102 -6.38 -9.11 -11.64
CA TYR A 102 -7.33 -9.72 -10.69
C TYR A 102 -7.85 -11.01 -11.30
N LEU A 103 -8.03 -12.03 -10.47
CA LEU A 103 -8.37 -13.41 -10.91
C LEU A 103 -9.88 -13.58 -10.79
N GLY A 104 -10.51 -14.07 -11.85
CA GLY A 104 -11.97 -14.36 -11.85
C GLY A 104 -12.22 -15.71 -11.27
N PRO A 105 -13.52 -16.00 -11.02
CA PRO A 105 -13.90 -17.23 -10.35
C PRO A 105 -13.63 -18.46 -11.20
N ASP A 106 -13.47 -18.24 -12.50
CA ASP A 106 -13.18 -19.31 -13.45
C ASP A 106 -11.72 -19.53 -13.74
N GLY A 107 -10.83 -18.80 -13.07
CA GLY A 107 -9.41 -18.83 -13.32
C GLY A 107 -8.89 -18.01 -14.50
N LEU A 108 -9.74 -17.17 -15.07
CA LEU A 108 -9.35 -16.24 -16.10
C LEU A 108 -9.14 -14.83 -15.56
N LEU A 109 -8.48 -14.00 -16.34
CA LEU A 109 -8.36 -12.58 -15.99
C LEU A 109 -9.76 -11.93 -15.81
N LEU A 110 -9.98 -11.38 -14.64
CA LEU A 110 -11.16 -10.57 -14.38
C LEU A 110 -10.93 -9.13 -14.80
N ARG A 111 -9.77 -8.56 -14.45
N ARG A 111 -9.73 -8.60 -14.48
CA ARG A 111 -9.44 -7.19 -14.92
CA ARG A 111 -9.40 -7.19 -14.73
C ARG A 111 -7.94 -7.05 -14.81
C ARG A 111 -7.87 -7.04 -14.77
N GLY A 112 -7.33 -6.49 -15.84
CA GLY A 112 -5.92 -6.14 -15.86
C GLY A 112 -5.76 -4.62 -15.87
N TYR A 113 -4.62 -4.15 -15.39
N TYR A 113 -4.59 -4.17 -15.38
CA TYR A 113 -4.36 -2.69 -15.41
CA TYR A 113 -4.22 -2.73 -15.30
C TYR A 113 -2.87 -2.47 -15.55
C TYR A 113 -2.76 -2.51 -15.65
N ASP A 114 -2.48 -1.32 -16.12
CA ASP A 114 -1.09 -0.89 -16.32
C ASP A 114 -1.15 0.61 -16.44
N GLN A 115 -0.70 1.34 -15.40
N GLN A 115 -0.51 1.36 -15.53
CA GLN A 115 -0.86 2.80 -15.43
CA GLN A 115 -0.78 2.80 -15.50
C GLN A 115 0.30 3.51 -14.73
C GLN A 115 0.23 3.51 -14.68
N PHE A 116 0.30 4.82 -14.93
CA PHE A 116 1.37 5.72 -14.45
C PHE A 116 0.78 6.98 -13.88
N ALA A 117 1.54 7.51 -12.89
CA ALA A 117 1.27 8.85 -12.36
C ALA A 117 2.58 9.63 -12.30
N TYR A 118 2.51 10.90 -12.61
CA TYR A 118 3.69 11.79 -12.57
C TYR A 118 3.41 12.85 -11.55
N ASP A 119 4.32 12.93 -10.53
CA ASP A 119 4.13 13.85 -9.40
C ASP A 119 2.73 13.67 -8.80
N GLY A 120 2.31 12.40 -8.70
CA GLY A 120 1.10 12.08 -8.00
C GLY A 120 -0.19 12.11 -8.84
N ALA A 121 -0.13 12.64 -10.03
CA ALA A 121 -1.30 12.81 -10.90
C ALA A 121 -1.29 11.75 -11.96
N ASP A 122 -2.48 11.23 -12.25
CA ASP A 122 -2.61 10.24 -13.34
C ASP A 122 -2.03 10.82 -14.62
N TYR A 123 -1.30 9.97 -15.34
CA TYR A 123 -0.61 10.34 -16.55
C TYR A 123 -1.16 9.57 -17.74
N LEU A 124 -1.01 8.24 -17.67
CA LEU A 124 -1.36 7.37 -18.81
C LEU A 124 -1.84 6.04 -18.26
N ALA A 125 -2.89 5.45 -18.80
CA ALA A 125 -3.41 4.20 -18.29
C ALA A 125 -3.93 3.32 -19.42
N LEU A 126 -3.69 1.99 -19.27
CA LEU A 126 -4.23 1.02 -20.19
C LEU A 126 -5.71 0.87 -19.88
N ASN A 127 -6.57 0.97 -20.91
CA ASN A 127 -7.99 0.82 -20.68
C ASN A 127 -8.35 -0.63 -20.42
N GLU A 128 -9.54 -0.86 -19.89
N GLU A 128 -9.57 -0.84 -19.90
CA GLU A 128 -9.88 -2.20 -19.50
CA GLU A 128 -10.03 -2.18 -19.54
C GLU A 128 -10.02 -3.20 -20.66
C GLU A 128 -9.92 -3.18 -20.68
N ASP A 129 -10.17 -2.70 -21.91
CA ASP A 129 -10.09 -3.55 -23.12
C ASP A 129 -8.69 -4.10 -23.37
N LEU A 130 -7.69 -3.57 -22.69
CA LEU A 130 -6.31 -3.96 -22.93
C LEU A 130 -5.83 -3.75 -24.35
N ARG A 131 -6.46 -2.79 -25.06
N ARG A 131 -6.44 -2.79 -25.06
CA ARG A 131 -6.17 -2.54 -26.49
CA ARG A 131 -6.16 -2.53 -26.48
C ARG A 131 -5.88 -1.05 -26.79
C ARG A 131 -6.05 -1.05 -26.82
N SER A 132 -6.00 -0.21 -25.79
CA SER A 132 -6.03 1.22 -25.97
C SER A 132 -5.65 1.86 -24.66
N TRP A 133 -5.26 3.14 -24.74
CA TRP A 133 -4.71 3.91 -23.64
C TRP A 133 -5.47 5.21 -23.50
N THR A 134 -5.50 5.69 -22.25
CA THR A 134 -6.13 7.03 -21.96
C THR A 134 -5.02 7.90 -21.34
N ALA A 135 -4.87 9.06 -21.96
CA ALA A 135 -3.82 10.06 -21.60
C ALA A 135 -4.49 11.27 -20.93
N ALA A 136 -3.81 11.75 -19.88
CA ALA A 136 -4.41 12.83 -19.07
C ALA A 136 -4.22 14.19 -19.59
N ASP A 137 -3.24 14.45 -20.44
CA ASP A 137 -2.90 15.81 -20.90
C ASP A 137 -2.09 15.71 -22.18
N MET A 138 -1.63 16.84 -22.69
N MET A 138 -1.64 16.83 -22.76
CA MET A 138 -0.94 16.86 -23.94
CA MET A 138 -0.97 16.74 -24.04
C MET A 138 0.41 16.14 -23.95
C MET A 138 0.40 16.02 -23.94
N ALA A 139 1.09 16.14 -22.80
CA ALA A 139 2.32 15.36 -22.65
C ALA A 139 2.05 13.86 -22.78
N ALA A 140 1.07 13.40 -22.01
CA ALA A 140 0.74 11.99 -22.05
C ALA A 140 0.21 11.61 -23.41
N GLN A 141 -0.38 12.53 -24.16
N GLN A 141 -0.38 12.53 -24.17
CA GLN A 141 -0.72 12.21 -25.53
CA GLN A 141 -0.73 12.17 -25.54
C GLN A 141 0.47 11.87 -26.39
C GLN A 141 0.46 11.91 -26.44
N ILE A 142 1.63 12.50 -26.16
CA ILE A 142 2.81 12.16 -26.89
C ILE A 142 3.13 10.70 -26.64
N SER A 143 3.17 10.30 -25.37
CA SER A 143 3.41 8.91 -24.98
C SER A 143 2.40 7.96 -25.59
N LYS A 144 1.14 8.31 -25.51
N LYS A 144 1.13 8.30 -25.45
CA LYS A 144 0.12 7.45 -26.06
CA LYS A 144 0.02 7.52 -26.02
C LYS A 144 0.31 7.21 -27.58
C LYS A 144 0.29 7.18 -27.48
N ARG A 145 0.67 8.24 -28.30
N ARG A 145 0.67 8.18 -28.24
CA ARG A 145 0.85 8.05 -29.75
CA ARG A 145 0.80 7.96 -29.68
C ARG A 145 2.02 7.12 -29.98
C ARG A 145 2.02 7.11 -30.01
N LYS A 146 3.08 7.28 -29.19
N LYS A 146 3.13 7.27 -29.26
CA LYS A 146 4.24 6.38 -29.30
CA LYS A 146 4.27 6.35 -29.43
C LYS A 146 3.84 4.93 -29.11
C LYS A 146 3.86 4.90 -29.11
N TRP A 147 3.01 4.73 -28.11
CA TRP A 147 2.63 3.37 -27.68
C TRP A 147 1.58 2.77 -28.58
N GLU A 148 0.79 3.60 -29.25
CA GLU A 148 -0.07 3.13 -30.32
C GLU A 148 0.75 2.71 -31.51
N ALA A 149 1.77 3.48 -31.89
CA ALA A 149 2.63 3.10 -33.01
C ALA A 149 3.34 1.82 -32.78
N ALA A 150 3.77 1.57 -31.57
CA ALA A 150 4.56 0.39 -31.17
C ALA A 150 3.68 -0.80 -30.87
N ASP A 151 2.37 -0.65 -30.73
CA ASP A 151 1.48 -1.67 -30.21
C ASP A 151 1.94 -2.18 -28.86
N ALA A 152 2.26 -1.26 -27.98
CA ALA A 152 2.57 -1.63 -26.60
C ALA A 152 1.47 -2.35 -25.88
N ALA A 153 0.19 -2.12 -26.24
CA ALA A 153 -0.88 -2.81 -25.60
C ALA A 153 -0.83 -4.32 -25.78
N GLU A 154 -0.30 -4.79 -26.89
N GLU A 154 -0.30 -4.79 -26.89
CA GLU A 154 -0.21 -6.22 -27.11
CA GLU A 154 -0.22 -6.22 -27.10
C GLU A 154 0.69 -6.88 -26.09
C GLU A 154 0.69 -6.88 -26.08
N HIS A 155 1.84 -6.26 -25.79
CA HIS A 155 2.80 -6.82 -24.77
C HIS A 155 2.05 -6.95 -23.44
N TRP A 156 1.31 -5.90 -23.03
CA TRP A 156 0.60 -5.94 -21.76
C TRP A 156 -0.59 -6.84 -21.75
N ARG A 157 -1.37 -6.86 -22.81
CA ARG A 157 -2.53 -7.72 -22.86
C ARG A 157 -2.13 -9.16 -22.76
N SER A 158 -1.07 -9.53 -23.50
N SER A 158 -1.09 -9.55 -23.48
CA SER A 158 -0.57 -10.89 -23.50
CA SER A 158 -0.74 -10.93 -23.39
C SER A 158 -0.12 -11.29 -22.10
C SER A 158 -0.21 -11.28 -22.01
N TYR A 159 0.61 -10.43 -21.41
CA TYR A 159 1.05 -10.70 -20.04
C TYR A 159 -0.13 -10.82 -19.10
N LEU A 160 -1.00 -9.84 -19.09
CA LEU A 160 -2.07 -9.79 -18.13
C LEU A 160 -3.01 -10.99 -18.22
N GLN A 161 -3.34 -11.39 -19.43
CA GLN A 161 -4.27 -12.51 -19.66
C GLN A 161 -3.59 -13.86 -19.40
N GLY A 162 -2.25 -13.90 -19.52
CA GLY A 162 -1.49 -15.14 -19.52
C GLY A 162 -0.66 -15.26 -18.26
N THR A 163 0.61 -14.95 -18.37
CA THR A 163 1.53 -15.16 -17.23
C THR A 163 1.08 -14.51 -15.95
N CYS A 164 0.49 -13.31 -15.97
CA CYS A 164 0.08 -12.67 -14.70
C CYS A 164 -0.87 -13.56 -13.95
N VAL A 165 -1.94 -14.05 -14.59
N VAL A 165 -1.93 -14.02 -14.62
CA VAL A 165 -2.88 -14.84 -13.83
CA VAL A 165 -2.92 -14.88 -13.99
C VAL A 165 -2.35 -16.24 -13.56
C VAL A 165 -2.30 -16.20 -13.60
N GLU A 166 -1.52 -16.79 -14.44
N GLU A 166 -1.49 -16.79 -14.47
CA GLU A 166 -0.96 -18.11 -14.17
CA GLU A 166 -0.91 -18.09 -14.19
C GLU A 166 0.02 -18.03 -12.97
C GLU A 166 0.01 -18.03 -12.95
N SER A 167 0.85 -16.98 -12.93
N SER A 167 0.83 -17.01 -12.92
CA SER A 167 1.75 -16.74 -11.77
CA SER A 167 1.74 -16.86 -11.78
C SER A 167 0.92 -16.62 -10.52
C SER A 167 0.98 -16.57 -10.52
N LEU A 168 -0.08 -15.75 -10.55
CA LEU A 168 -0.95 -15.56 -9.39
C LEU A 168 -1.49 -16.87 -8.88
N ARG A 169 -2.02 -17.71 -9.78
CA ARG A 169 -2.53 -18.98 -9.33
C ARG A 169 -1.46 -19.85 -8.66
N ARG A 170 -0.25 -19.82 -9.25
CA ARG A 170 0.89 -20.54 -8.64
C ARG A 170 1.23 -20.03 -7.27
N TYR A 171 1.28 -18.71 -7.10
CA TYR A 171 1.63 -18.17 -5.79
C TYR A 171 0.54 -18.48 -4.79
N LEU A 172 -0.74 -18.53 -5.17
CA LEU A 172 -1.82 -18.81 -4.26
C LEU A 172 -1.70 -20.20 -3.76
N GLN A 173 -1.22 -21.12 -4.59
N GLN A 173 -1.23 -21.13 -4.57
CA GLN A 173 -0.93 -22.48 -4.19
CA GLN A 173 -1.02 -22.50 -4.11
C GLN A 173 0.29 -22.53 -3.29
C GLN A 173 0.21 -22.61 -3.24
N MET A 174 1.39 -21.93 -3.73
N MET A 174 1.28 -21.98 -3.65
CA MET A 174 2.62 -21.89 -2.92
CA MET A 174 2.51 -22.04 -2.87
C MET A 174 2.35 -21.45 -1.51
C MET A 174 2.35 -21.45 -1.48
N GLY A 175 1.59 -20.38 -1.39
CA GLY A 175 1.34 -19.74 -0.09
C GLY A 175 -0.02 -20.00 0.46
N LYS A 176 -0.65 -21.11 0.07
CA LYS A 176 -2.05 -21.31 0.40
C LYS A 176 -2.37 -21.20 1.90
N ASP A 177 -1.49 -21.68 2.75
CA ASP A 177 -1.78 -21.73 4.19
C ASP A 177 -1.82 -20.37 4.88
N THR A 178 -1.36 -19.34 4.21
CA THR A 178 -1.44 -17.99 4.72
C THR A 178 -2.30 -17.14 3.81
N LEU A 179 -2.01 -17.16 2.50
CA LEU A 179 -2.76 -16.35 1.57
C LEU A 179 -4.22 -16.69 1.46
N GLN A 180 -4.57 -17.94 1.59
CA GLN A 180 -5.95 -18.36 1.40
C GLN A 180 -6.62 -18.60 2.77
N ARG A 181 -5.96 -18.20 3.85
CA ARG A 181 -6.53 -18.29 5.20
C ARG A 181 -7.23 -16.98 5.55
N ALA A 182 -8.52 -17.02 5.84
CA ALA A 182 -9.10 -15.83 6.44
C ALA A 182 -9.04 -15.98 7.93
N GLU A 183 -8.56 -14.94 8.60
CA GLU A 183 -8.48 -14.90 10.04
C GLU A 183 -9.51 -13.86 10.49
N PRO A 184 -10.52 -14.26 11.29
CA PRO A 184 -11.56 -13.28 11.66
C PRO A 184 -10.99 -12.27 12.65
N PRO A 185 -11.61 -11.09 12.74
CA PRO A 185 -11.16 -10.13 13.78
C PRO A 185 -11.57 -10.54 15.22
N LYS A 186 -10.67 -10.31 16.17
N LYS A 186 -10.67 -10.25 16.16
CA LYS A 186 -11.05 -10.27 17.58
CA LYS A 186 -10.95 -10.24 17.60
C LYS A 186 -11.61 -8.88 17.80
C LYS A 186 -11.51 -8.86 17.94
N THR A 187 -12.72 -8.80 18.51
CA THR A 187 -13.45 -7.55 18.64
C THR A 187 -13.82 -7.23 20.06
N HIS A 188 -13.85 -5.93 20.36
CA HIS A 188 -14.36 -5.46 21.66
C HIS A 188 -14.58 -3.94 21.59
N VAL A 189 -15.30 -3.45 22.59
CA VAL A 189 -15.65 -2.06 22.67
C VAL A 189 -15.07 -1.51 23.97
N THR A 190 -14.34 -0.44 23.85
CA THR A 190 -13.79 0.25 25.03
C THR A 190 -14.52 1.59 25.21
N ARG A 191 -14.45 2.10 26.45
CA ARG A 191 -15.10 3.34 26.81
C ARG A 191 -14.05 4.27 27.42
N HIS A 192 -14.07 5.52 27.01
CA HIS A 192 -13.07 6.51 27.43
C HIS A 192 -13.74 7.85 27.73
N PRO A 193 -13.19 8.62 28.71
CA PRO A 193 -13.80 9.93 28.90
C PRO A 193 -13.57 10.89 27.69
N SER A 194 -14.51 11.82 27.49
CA SER A 194 -14.41 12.81 26.42
C SER A 194 -14.71 14.19 26.97
N SER A 195 -15.88 14.37 27.59
CA SER A 195 -16.21 15.63 28.25
C SER A 195 -17.35 15.41 29.24
N ASP A 196 -17.79 16.49 29.88
CA ASP A 196 -19.01 16.49 30.73
C ASP A 196 -20.25 15.98 30.05
N LEU A 197 -20.30 16.23 28.75
CA LEU A 197 -21.47 15.94 27.98
C LEU A 197 -21.27 14.73 27.09
N GLY A 198 -20.14 14.02 27.20
CA GLY A 198 -19.86 12.87 26.31
C GLY A 198 -18.82 11.86 26.76
N VAL A 199 -18.96 10.62 26.31
CA VAL A 199 -18.02 9.54 26.53
C VAL A 199 -17.71 8.97 25.15
N THR A 200 -16.48 8.52 24.95
CA THR A 200 -16.10 7.89 23.68
C THR A 200 -16.25 6.40 23.77
N LEU A 201 -16.96 5.82 22.81
CA LEU A 201 -16.97 4.35 22.63
C LEU A 201 -16.13 4.03 21.42
N ARG A 202 -15.23 3.08 21.59
CA ARG A 202 -14.30 2.69 20.52
C ARG A 202 -14.49 1.21 20.28
N CYS A 203 -14.86 0.88 19.03
CA CYS A 203 -15.03 -0.49 18.62
C CYS A 203 -13.77 -0.93 17.89
N TRP A 204 -13.16 -1.97 18.40
CA TRP A 204 -11.91 -2.50 17.83
C TRP A 204 -12.11 -3.80 17.09
N ALA A 205 -11.35 -3.90 16.00
CA ALA A 205 -11.17 -5.18 15.25
C ALA A 205 -9.66 -5.46 15.13
N LEU A 206 -9.20 -6.58 15.66
CA LEU A 206 -7.77 -6.87 15.76
C LEU A 206 -7.47 -8.22 15.16
N GLY A 207 -6.30 -8.36 14.54
CA GLY A 207 -5.83 -9.63 14.10
C GLY A 207 -6.48 -10.25 12.92
N PHE A 208 -7.04 -9.45 12.01
CA PHE A 208 -7.81 -10.00 10.91
C PHE A 208 -7.04 -10.01 9.62
N HIS A 209 -7.45 -10.93 8.73
CA HIS A 209 -6.88 -11.02 7.36
C HIS A 209 -7.93 -11.69 6.50
N PRO A 210 -8.23 -11.19 5.30
CA PRO A 210 -7.66 -10.05 4.61
C PRO A 210 -7.98 -8.71 5.23
N LYS A 211 -7.43 -7.67 4.64
N LYS A 211 -7.43 -7.70 4.61
CA LYS A 211 -7.53 -6.33 5.18
CA LYS A 211 -7.52 -6.35 5.03
C LYS A 211 -8.92 -5.68 5.01
C LYS A 211 -8.93 -5.77 5.05
N GLU A 212 -9.73 -6.12 4.06
CA GLU A 212 -11.04 -5.56 3.86
C GLU A 212 -11.94 -5.89 5.08
N ILE A 213 -12.62 -4.86 5.60
CA ILE A 213 -13.47 -4.99 6.79
C ILE A 213 -14.45 -3.84 6.79
N SER A 214 -15.60 -4.06 7.39
CA SER A 214 -16.62 -3.05 7.66
C SER A 214 -16.88 -2.94 9.16
N LEU A 215 -16.69 -1.73 9.66
CA LEU A 215 -17.03 -1.33 11.05
C LEU A 215 -17.94 -0.13 11.00
N THR A 216 -19.11 -0.29 11.61
CA THR A 216 -20.14 0.76 11.64
C THR A 216 -20.70 0.80 13.05
N TRP A 217 -21.24 1.98 13.40
CA TRP A 217 -21.97 2.17 14.63
C TRP A 217 -23.46 2.48 14.30
N GLN A 218 -24.38 1.94 15.11
N GLN A 218 -24.36 1.94 15.14
CA GLN A 218 -25.79 2.27 15.06
CA GLN A 218 -25.80 2.16 15.09
C GLN A 218 -26.31 2.62 16.46
C GLN A 218 -26.29 2.64 16.46
N ARG A 219 -27.37 3.45 16.49
CA ARG A 219 -28.12 3.72 17.72
C ARG A 219 -29.57 3.33 17.43
N GLU A 220 -30.05 2.27 18.10
CA GLU A 220 -31.42 1.75 17.99
C GLU A 220 -31.85 1.66 16.50
N GLY A 221 -31.00 1.02 15.69
CA GLY A 221 -31.27 0.81 14.27
C GLY A 221 -30.77 1.85 13.27
N GLN A 222 -30.34 3.02 13.72
CA GLN A 222 -29.91 4.11 12.85
C GLN A 222 -28.40 4.23 12.75
N ASP A 223 -27.86 4.31 11.53
CA ASP A 223 -26.41 4.36 11.31
C ASP A 223 -25.86 5.71 11.73
N GLN A 224 -24.66 5.70 12.32
CA GLN A 224 -24.02 6.91 12.87
C GLN A 224 -22.77 7.37 12.10
N SER A 225 -22.62 6.94 10.84
CA SER A 225 -21.36 7.14 10.09
C SER A 225 -20.91 8.59 10.03
N GLN A 226 -21.86 9.52 9.93
CA GLN A 226 -21.52 10.94 9.82
C GLN A 226 -20.73 11.51 11.05
N ASP A 227 -20.89 10.90 12.23
CA ASP A 227 -20.28 11.41 13.49
C ASP A 227 -19.16 10.53 14.08
N MET A 228 -18.72 9.51 13.37
CA MET A 228 -17.75 8.59 13.97
C MET A 228 -16.38 8.86 13.38
N GLU A 229 -15.35 8.56 14.16
CA GLU A 229 -13.97 8.62 13.68
C GLU A 229 -13.62 7.18 13.30
N LEU A 230 -13.25 6.99 12.04
CA LEU A 230 -12.86 5.66 11.55
C LEU A 230 -11.43 5.73 11.10
N VAL A 231 -10.52 5.05 11.78
CA VAL A 231 -9.13 5.13 11.39
C VAL A 231 -8.86 4.24 10.17
N GLU A 232 -7.85 4.60 9.44
CA GLU A 232 -7.35 3.75 8.37
C GLU A 232 -6.94 2.42 8.90
N THR A 233 -7.29 1.35 8.17
CA THR A 233 -6.83 0.02 8.51
C THR A 233 -5.31 -0.03 8.49
N ARG A 234 -4.75 -0.64 9.53
CA ARG A 234 -3.29 -0.53 9.76
C ARG A 234 -2.71 -1.92 9.94
N PRO A 235 -1.46 -2.12 9.52
CA PRO A 235 -0.88 -3.45 9.65
C PRO A 235 -0.45 -3.74 11.10
N SER A 236 -0.66 -4.97 11.56
CA SER A 236 -0.14 -5.42 12.83
C SER A 236 1.36 -5.67 12.84
N GLY A 237 1.86 -6.03 11.64
CA GLY A 237 3.25 -6.35 11.40
C GLY A 237 3.51 -7.83 11.21
N ASP A 238 2.48 -8.63 11.44
CA ASP A 238 2.57 -10.11 11.34
C ASP A 238 1.69 -10.68 10.22
N GLY A 239 1.28 -9.84 9.30
CA GLY A 239 0.37 -10.21 8.21
C GLY A 239 -1.11 -10.00 8.48
N THR A 240 -1.46 -9.60 9.68
CA THR A 240 -2.84 -9.27 9.97
C THR A 240 -2.99 -7.76 10.11
N PHE A 241 -4.21 -7.33 10.36
CA PHE A 241 -4.56 -5.92 10.42
C PHE A 241 -5.40 -5.54 11.63
N GLN A 242 -5.49 -4.22 11.82
CA GLN A 242 -6.26 -3.63 12.91
C GLN A 242 -7.05 -2.48 12.40
N LYS A 243 -8.19 -2.21 13.05
CA LYS A 243 -9.01 -1.05 12.73
C LYS A 243 -9.86 -0.72 13.92
N TRP A 244 -10.22 0.55 14.07
CA TRP A 244 -11.25 0.92 15.06
C TRP A 244 -12.10 2.02 14.53
N ALA A 245 -13.29 2.08 15.14
CA ALA A 245 -14.29 3.09 14.88
C ALA A 245 -14.80 3.64 16.21
N ALA A 246 -14.76 4.96 16.36
CA ALA A 246 -15.13 5.56 17.63
C ALA A 246 -16.20 6.61 17.45
N LEU A 247 -16.98 6.84 18.52
CA LEU A 247 -18.14 7.70 18.52
C LEU A 247 -18.23 8.35 19.92
N VAL A 248 -18.54 9.63 19.98
N VAL A 248 -18.53 9.63 19.96
CA VAL A 248 -18.86 10.26 21.27
CA VAL A 248 -18.89 10.28 21.22
C VAL A 248 -20.37 10.19 21.52
C VAL A 248 -20.39 10.05 21.43
N VAL A 249 -20.76 9.55 22.62
CA VAL A 249 -22.15 9.31 22.93
C VAL A 249 -22.52 10.03 24.23
N PRO A 250 -23.82 10.24 24.49
CA PRO A 250 -24.22 10.86 25.74
C PRO A 250 -23.87 9.99 26.97
N PRO A 251 -23.45 10.61 28.04
CA PRO A 251 -23.20 9.91 29.30
C PRO A 251 -24.41 9.11 29.75
N GLY A 252 -24.18 7.82 30.05
CA GLY A 252 -25.26 6.93 30.52
C GLY A 252 -26.08 6.32 29.38
N GLU A 253 -25.83 6.70 28.14
CA GLU A 253 -26.65 6.18 27.03
C GLU A 253 -25.89 5.14 26.18
N GLU A 254 -24.82 4.62 26.75
CA GLU A 254 -23.95 3.67 26.00
C GLU A 254 -24.74 2.49 25.42
N GLN A 255 -25.74 1.98 26.16
CA GLN A 255 -26.50 0.79 25.68
C GLN A 255 -27.39 1.00 24.50
N SER A 256 -27.54 2.21 24.04
CA SER A 256 -28.30 2.45 22.87
C SER A 256 -27.43 2.18 21.63
N TYR A 257 -26.12 2.01 21.80
CA TYR A 257 -25.19 1.97 20.66
C TYR A 257 -24.62 0.57 20.39
N THR A 258 -24.60 0.18 19.13
CA THR A 258 -24.13 -1.12 18.72
C THR A 258 -23.09 -0.92 17.63
N CYS A 259 -22.01 -1.68 17.71
CA CYS A 259 -20.99 -1.74 16.67
C CYS A 259 -21.26 -2.98 15.82
N HIS A 260 -21.09 -2.81 14.53
CA HIS A 260 -21.39 -3.87 13.56
C HIS A 260 -20.15 -4.15 12.73
N VAL A 261 -19.76 -5.43 12.72
CA VAL A 261 -18.53 -5.83 12.04
C VAL A 261 -18.82 -6.86 10.95
N GLN A 262 -18.37 -6.57 9.74
CA GLN A 262 -18.43 -7.55 8.64
C GLN A 262 -17.02 -7.83 8.17
N HIS A 263 -16.70 -9.12 8.07
CA HIS A 263 -15.42 -9.57 7.56
C HIS A 263 -15.53 -10.99 7.00
N GLU A 264 -14.78 -11.30 5.95
N GLU A 264 -14.77 -11.28 5.95
CA GLU A 264 -14.95 -12.61 5.32
CA GLU A 264 -14.73 -12.61 5.28
C GLU A 264 -14.53 -13.82 6.18
C GLU A 264 -14.63 -13.78 6.25
N GLY A 265 -13.87 -13.59 7.31
CA GLY A 265 -13.53 -14.63 8.28
C GLY A 265 -14.65 -14.94 9.25
N LEU A 266 -15.68 -14.10 9.31
CA LEU A 266 -16.81 -14.33 10.20
C LEU A 266 -17.88 -15.09 9.47
N GLN A 267 -18.54 -15.96 10.20
CA GLN A 267 -19.62 -16.75 9.65
C GLN A 267 -20.87 -15.90 9.43
N GLU A 268 -21.07 -14.94 10.33
CA GLU A 268 -22.19 -14.02 10.30
C GLU A 268 -21.68 -12.64 10.75
N PRO A 269 -22.26 -11.55 10.23
CA PRO A 269 -21.99 -10.23 10.84
C PRO A 269 -22.17 -10.20 12.37
N LEU A 270 -21.22 -9.55 13.04
CA LEU A 270 -21.21 -9.42 14.50
C LEU A 270 -21.84 -8.11 14.89
N THR A 271 -22.53 -8.15 16.02
CA THR A 271 -23.06 -6.97 16.73
C THR A 271 -22.45 -7.03 18.10
N LEU A 272 -21.88 -5.91 18.55
CA LEU A 272 -21.39 -5.82 19.90
C LEU A 272 -21.67 -4.44 20.51
N ARG A 273 -21.56 -4.44 21.81
CA ARG A 273 -21.80 -3.26 22.64
C ARG A 273 -20.73 -3.13 23.68
N TRP A 274 -20.69 -1.96 24.32
CA TRP A 274 -19.86 -1.80 25.48
C TRP A 274 -20.50 -2.59 26.63
N ASP A 275 -19.68 -3.32 27.36
CA ASP A 275 -20.08 -4.07 28.59
C ASP A 275 -19.51 -3.52 29.92
N MET B 1 -1.80 18.68 -7.94
CA MET B 1 -0.33 18.76 -7.89
C MET B 1 0.11 19.17 -6.48
N VAL B 2 -0.78 19.57 -5.56
CA VAL B 2 -0.34 19.94 -4.18
C VAL B 2 0.09 18.69 -3.42
N ALA B 3 1.17 18.83 -2.64
CA ALA B 3 1.67 17.74 -1.83
C ALA B 3 0.62 17.31 -0.81
N ARG B 4 0.67 16.01 -0.46
CA ARG B 4 -0.29 15.44 0.47
C ARG B 4 0.42 15.14 1.80
N PRO B 5 -0.12 15.58 2.93
CA PRO B 5 0.56 15.35 4.21
C PRO B 5 0.40 13.93 4.70
N PRO B 6 1.29 13.47 5.53
CA PRO B 6 1.18 12.12 6.11
C PRO B 6 0.17 12.02 7.21
N LYS B 7 -0.57 10.93 7.26
N LYS B 7 -0.54 10.91 7.27
CA LYS B 7 -1.31 10.52 8.42
CA LYS B 7 -1.33 10.46 8.38
C LYS B 7 -0.35 9.63 9.17
C LYS B 7 -0.47 9.55 9.19
N VAL B 8 -0.50 9.61 10.50
CA VAL B 8 0.42 8.87 11.37
C VAL B 8 -0.36 8.17 12.48
N GLN B 9 -0.20 6.84 12.61
CA GLN B 9 -0.73 6.09 13.73
C GLN B 9 0.41 5.40 14.47
N VAL B 10 0.39 5.43 15.79
CA VAL B 10 1.41 4.76 16.60
C VAL B 10 0.66 3.84 17.54
N TYR B 11 1.09 2.56 17.53
CA TYR B 11 0.31 1.52 18.20
C TYR B 11 1.15 0.26 18.38
N SER B 12 0.69 -0.60 19.26
CA SER B 12 1.34 -1.87 19.47
C SER B 12 0.66 -2.98 18.68
N ARG B 13 1.45 -4.03 18.38
CA ARG B 13 0.91 -5.18 17.64
C ARG B 13 -0.14 -5.87 18.46
N HIS B 14 0.22 -6.11 19.71
CA HIS B 14 -0.65 -6.81 20.67
C HIS B 14 -1.06 -5.86 21.78
N PRO B 15 -2.21 -6.13 22.42
CA PRO B 15 -2.58 -5.31 23.57
C PRO B 15 -1.41 -5.15 24.59
N ALA B 16 -1.09 -3.92 24.98
CA ALA B 16 0.07 -3.72 25.81
C ALA B 16 -0.12 -4.25 27.25
N GLU B 17 0.90 -4.92 27.76
CA GLU B 17 0.92 -5.41 29.14
C GLU B 17 2.29 -5.10 29.64
N ASN B 18 2.38 -4.39 30.76
CA ASN B 18 3.67 -4.01 31.27
C ASN B 18 4.49 -5.25 31.58
N GLY B 19 5.74 -5.23 31.09
CA GLY B 19 6.67 -6.32 31.27
C GLY B 19 6.56 -7.43 30.24
N LYS B 20 5.61 -7.34 29.31
CA LYS B 20 5.47 -8.39 28.30
C LYS B 20 6.01 -7.91 26.94
N PRO B 21 6.97 -8.62 26.34
CA PRO B 21 7.49 -8.22 25.02
C PRO B 21 6.42 -8.11 23.96
N ASN B 22 6.60 -7.14 23.04
CA ASN B 22 5.55 -6.68 22.10
C ASN B 22 6.31 -6.07 20.95
N TYR B 23 5.54 -5.43 20.08
CA TYR B 23 6.06 -4.75 18.90
C TYR B 23 5.40 -3.40 18.78
N LEU B 24 6.21 -2.37 18.55
CA LEU B 24 5.74 -1.00 18.43
C LEU B 24 5.79 -0.59 16.96
N ASN B 25 4.67 -0.08 16.49
CA ASN B 25 4.47 0.29 15.09
C ASN B 25 4.23 1.79 14.93
N CYS B 26 4.77 2.37 13.88
CA CYS B 26 4.42 3.71 13.43
C CYS B 26 4.06 3.57 11.94
N TYR B 27 2.78 3.66 11.61
CA TYR B 27 2.24 3.51 10.27
C TYR B 27 1.97 4.89 9.72
N VAL B 28 2.58 5.21 8.60
CA VAL B 28 2.58 6.57 8.02
C VAL B 28 2.04 6.41 6.63
N SER B 29 0.97 7.09 6.27
CA SER B 29 0.26 6.83 5.01
C SER B 29 -0.29 8.09 4.43
N GLY B 30 -0.74 8.02 3.19
CA GLY B 30 -1.40 9.14 2.53
C GLY B 30 -0.54 10.25 2.01
N PHE B 31 0.78 10.09 2.02
CA PHE B 31 1.67 11.20 1.71
C PHE B 31 2.21 11.23 0.30
N HIS B 32 2.61 12.41 -0.14
CA HIS B 32 3.22 12.57 -1.48
C HIS B 32 3.90 13.94 -1.42
N PRO B 33 5.15 14.14 -1.84
CA PRO B 33 6.08 13.18 -2.43
C PRO B 33 6.60 12.16 -1.44
N PRO B 34 7.35 11.18 -1.94
CA PRO B 34 7.73 10.05 -1.10
C PRO B 34 8.83 10.33 -0.16
N GLN B 35 9.60 11.39 -0.29
CA GLN B 35 10.70 11.67 0.66
C GLN B 35 10.10 11.97 2.01
N ILE B 36 10.57 11.27 3.05
CA ILE B 36 9.98 11.38 4.37
C ILE B 36 10.98 10.86 5.36
N GLU B 37 10.96 11.35 6.57
CA GLU B 37 11.79 10.74 7.67
C GLU B 37 10.81 10.35 8.73
N ILE B 38 10.88 9.11 9.19
CA ILE B 38 9.98 8.56 10.18
C ILE B 38 10.84 7.91 11.28
N ASP B 39 10.78 8.43 12.50
CA ASP B 39 11.59 7.90 13.63
C ASP B 39 10.68 7.50 14.74
N LEU B 40 10.81 6.26 15.23
CA LEU B 40 10.24 5.89 16.53
C LEU B 40 11.17 6.36 17.59
N LEU B 41 10.58 6.93 18.64
CA LEU B 41 11.32 7.54 19.74
C LEU B 41 10.95 6.86 21.04
N LYS B 42 11.95 6.64 21.88
CA LYS B 42 11.78 6.12 23.24
C LYS B 42 12.31 7.22 24.15
N ASN B 43 11.43 7.79 24.98
CA ASN B 43 11.76 8.96 25.84
C ASN B 43 12.46 10.02 25.00
N GLY B 44 11.96 10.23 23.79
CA GLY B 44 12.47 11.30 22.94
C GLY B 44 13.73 10.98 22.12
N GLU B 45 14.26 9.75 22.25
CA GLU B 45 15.52 9.34 21.57
C GLU B 45 15.24 8.31 20.48
N LYS B 46 15.84 8.52 19.33
CA LYS B 46 15.50 7.67 18.19
C LYS B 46 15.86 6.20 18.48
N MET B 47 14.92 5.31 18.17
CA MET B 47 15.12 3.87 18.20
C MET B 47 15.61 3.40 16.83
N ASN B 48 16.42 2.34 16.86
CA ASN B 48 16.87 1.73 15.60
C ASN B 48 15.85 0.75 15.05
N ALA B 49 14.84 1.28 14.44
CA ALA B 49 13.63 0.51 13.98
C ALA B 49 13.71 0.20 12.52
N GLU B 50 13.28 -1.04 12.17
N GLU B 50 13.02 -0.88 12.18
CA GLU B 50 13.13 -1.48 10.77
CA GLU B 50 12.92 -1.34 10.81
C GLU B 50 12.01 -0.72 10.00
C GLU B 50 11.96 -0.51 10.02
N GLN B 51 12.23 -0.37 8.73
CA GLN B 51 11.31 0.29 7.88
C GLN B 51 10.91 -0.57 6.68
N SER B 52 9.62 -0.59 6.36
CA SER B 52 9.09 -1.36 5.22
C SER B 52 9.58 -0.80 3.94
N ASP B 53 9.48 -1.59 2.88
CA ASP B 53 9.78 -1.15 1.52
C ASP B 53 8.72 -0.16 1.03
N LEU B 54 9.13 0.90 0.38
CA LEU B 54 8.19 1.93 -0.10
C LEU B 54 7.16 1.37 -1.06
N SER B 55 5.90 1.69 -0.77
CA SER B 55 4.79 1.27 -1.58
C SER B 55 3.75 2.34 -1.56
N PHE B 56 2.71 2.13 -2.35
CA PHE B 56 1.65 3.13 -2.46
C PHE B 56 0.31 2.49 -2.72
N SER B 57 -0.71 3.27 -2.43
CA SER B 57 -2.09 2.89 -2.59
C SER B 57 -2.61 3.23 -3.97
N LYS B 58 -3.85 2.85 -4.24
CA LYS B 58 -4.50 3.01 -5.50
C LYS B 58 -4.62 4.49 -5.89
N ASP B 59 -4.66 5.38 -4.91
CA ASP B 59 -4.67 6.80 -5.19
C ASP B 59 -3.26 7.44 -5.29
N TRP B 60 -2.24 6.59 -5.39
CA TRP B 60 -0.86 6.96 -5.57
C TRP B 60 -0.17 7.51 -4.34
N SER B 61 -0.90 7.63 -3.23
CA SER B 61 -0.24 8.09 -2.01
C SER B 61 0.58 6.96 -1.37
N PHE B 62 1.69 7.33 -0.75
CA PHE B 62 2.67 6.39 -0.23
C PHE B 62 2.31 5.94 1.17
N TYR B 63 2.83 4.79 1.55
CA TYR B 63 2.72 4.34 2.95
C TYR B 63 3.96 3.60 3.33
N LEU B 64 4.31 3.68 4.60
CA LEU B 64 5.49 3.04 5.23
C LEU B 64 5.12 2.61 6.64
N LEU B 65 5.65 1.47 7.07
CA LEU B 65 5.63 1.01 8.46
C LEU B 65 7.02 1.00 9.03
N VAL B 66 7.18 1.65 10.19
CA VAL B 66 8.39 1.66 10.97
C VAL B 66 8.06 0.91 12.22
N HIS B 67 8.84 -0.09 12.57
CA HIS B 67 8.49 -0.98 13.67
C HIS B 67 9.68 -1.57 14.37
N THR B 68 9.51 -1.93 15.65
CA THR B 68 10.60 -2.58 16.40
C THR B 68 10.00 -3.31 17.56
N GLU B 69 10.75 -4.25 18.10
CA GLU B 69 10.37 -4.91 19.36
C GLU B 69 10.56 -3.99 20.53
N PHE B 70 9.67 -4.11 21.49
CA PHE B 70 9.81 -3.39 22.76
C PHE B 70 9.06 -4.10 23.82
N THR B 71 9.40 -3.74 25.06
CA THR B 71 8.69 -4.22 26.24
C THR B 71 8.13 -3.02 27.00
N PRO B 72 6.83 -2.78 26.86
CA PRO B 72 6.31 -1.59 27.54
C PRO B 72 6.40 -1.75 29.06
N ASN B 73 6.41 -0.61 29.75
CA ASN B 73 6.39 -0.61 31.22
C ASN B 73 5.68 0.68 31.67
N ALA B 74 5.65 0.91 32.97
CA ALA B 74 4.93 2.06 33.50
C ALA B 74 5.63 3.40 33.36
N VAL B 75 6.88 3.40 32.94
CA VAL B 75 7.70 4.60 32.93
C VAL B 75 7.99 5.09 31.52
N ASP B 76 8.45 4.21 30.64
CA ASP B 76 8.88 4.68 29.34
C ASP B 76 7.77 5.23 28.46
N GLN B 77 8.09 6.34 27.80
CA GLN B 77 7.21 6.98 26.83
C GLN B 77 7.69 6.76 25.42
N TYR B 78 6.76 6.49 24.51
CA TYR B 78 7.07 6.25 23.11
C TYR B 78 6.28 7.19 22.21
N SER B 79 6.90 7.51 21.11
CA SER B 79 6.27 8.38 20.14
C SER B 79 6.85 8.11 18.77
N CYS B 80 6.28 8.74 17.77
CA CYS B 80 6.80 8.68 16.42
C CYS B 80 6.92 10.10 15.87
N ARG B 81 8.04 10.44 15.24
CA ARG B 81 8.36 11.76 14.71
C ARG B 81 8.52 11.67 13.22
N VAL B 82 7.78 12.53 12.49
CA VAL B 82 7.73 12.51 11.06
C VAL B 82 8.05 13.87 10.49
N LYS B 83 8.92 13.84 9.48
CA LYS B 83 9.33 15.06 8.77
C LYS B 83 9.02 14.90 7.29
N HIS B 84 8.39 15.89 6.70
CA HIS B 84 7.89 15.83 5.33
C HIS B 84 7.77 17.26 4.84
N VAL B 85 7.83 17.47 3.51
CA VAL B 85 7.71 18.80 2.98
C VAL B 85 6.43 19.53 3.38
N THR B 86 5.35 18.82 3.66
CA THR B 86 4.07 19.43 4.01
C THR B 86 3.99 19.87 5.46
N LEU B 87 5.02 19.57 6.26
CA LEU B 87 4.98 19.82 7.70
C LEU B 87 5.94 20.93 8.07
N ASP B 88 5.39 21.94 8.75
N ASP B 88 5.48 22.02 8.67
CA ASP B 88 6.10 23.14 9.16
CA ASP B 88 6.49 23.09 8.94
C ASP B 88 7.15 22.91 10.24
C ASP B 88 7.38 22.70 10.08
N LYS B 89 6.91 21.87 11.01
CA LYS B 89 7.76 21.37 12.08
C LYS B 89 7.48 19.89 12.19
N PRO B 90 8.41 19.10 12.72
CA PRO B 90 8.21 17.64 12.76
C PRO B 90 6.86 17.37 13.46
N LYS B 91 6.16 16.38 12.94
CA LYS B 91 4.91 15.91 13.49
C LYS B 91 5.23 14.81 14.52
N ILE B 92 4.87 14.99 15.77
CA ILE B 92 5.09 14.01 16.82
C ILE B 92 3.76 13.45 17.31
N VAL B 93 3.63 12.14 17.23
CA VAL B 93 2.45 11.46 17.73
C VAL B 93 2.87 10.55 18.86
N LYS B 94 2.26 10.75 20.02
CA LYS B 94 2.58 9.92 21.19
C LYS B 94 1.88 8.58 21.12
N TRP B 95 2.53 7.52 21.58
CA TRP B 95 1.85 6.25 21.78
C TRP B 95 0.97 6.29 22.97
N ASP B 96 -0.31 6.02 22.68
CA ASP B 96 -1.34 5.94 23.65
C ASP B 96 -1.82 4.48 23.56
N ARG B 97 -1.73 3.77 24.65
CA ARG B 97 -2.24 2.40 24.71
C ARG B 97 -3.70 2.20 24.30
N ASP B 98 -4.53 3.25 24.27
CA ASP B 98 -5.96 3.25 23.83
C ASP B 98 -6.29 3.67 22.38
N HIS B 99 -5.29 3.88 21.53
CA HIS B 99 -5.54 4.27 20.16
C HIS B 99 -4.81 3.32 19.21
N ASP C 1 5.15 -12.95 -11.35
CA ASP C 1 6.38 -12.97 -12.19
C ASP C 1 6.50 -11.62 -12.88
N PHE C 2 7.55 -10.83 -12.63
CA PHE C 2 7.59 -9.40 -13.06
C PHE C 2 7.78 -9.33 -14.55
N GLU C 3 6.89 -8.56 -15.19
CA GLU C 3 6.97 -8.31 -16.62
C GLU C 3 7.80 -7.08 -16.83
N ARG C 4 8.75 -7.15 -17.74
N ARG C 4 8.77 -7.18 -17.74
CA ARG C 4 9.51 -5.95 -18.01
CA ARG C 4 9.60 -6.05 -18.12
C ARG C 4 8.74 -4.94 -18.75
C ARG C 4 8.78 -4.96 -18.80
N GLU C 5 9.02 -3.69 -18.48
CA GLU C 5 8.61 -2.62 -19.41
C GLU C 5 9.34 -2.85 -20.73
N GLY C 6 8.61 -2.66 -21.84
CA GLY C 6 9.17 -2.77 -23.17
C GLY C 6 9.37 -1.45 -23.89
N TYR C 7 8.75 -0.38 -23.43
CA TYR C 7 8.63 0.85 -24.18
C TYR C 7 8.80 2.03 -23.29
N SER C 8 9.30 3.11 -23.86
N SER C 8 9.33 3.11 -23.87
CA SER C 8 9.50 4.31 -23.06
CA SER C 8 9.63 4.37 -23.16
C SER C 8 8.39 5.33 -23.32
C SER C 8 8.53 5.43 -23.40
N LEU C 9 8.13 6.16 -22.35
CA LEU C 9 7.18 7.25 -22.46
C LEU C 9 7.64 8.38 -23.33
#